data_1GGD
#
_entry.id   1GGD
#
_cell.length_a   69.600
_cell.length_b   69.600
_cell.length_c   97.550
_cell.angle_alpha   90.00
_cell.angle_beta   90.00
_cell.angle_gamma   90.00
#
_symmetry.space_group_name_H-M   'P 42 21 2'
#
loop_
_entity.id
_entity.type
_entity.pdbx_description
1 polymer 'GAMMA CHYMOTRYPSIN'
2 polymer 'GAMMA CHYMOTRYPSIN'
3 polymer 'GAMMA CHYMOTRYPSIN'
4 non-polymer 'SULFATE ION'
5 non-polymer '2-ACETYLAMINO-4-METHYL-PENTANOIC ACID (1-FORMYL-2-PHENYL-ETHYL)-AMIDE'
6 water water
#
loop_
_entity_poly.entity_id
_entity_poly.type
_entity_poly.pdbx_seq_one_letter_code
_entity_poly.pdbx_strand_id
1 'polypeptide(L)' CGVPAIQPVL A
2 'polypeptide(L)'
;IVNGEEAVPGSWPWQVSLQDKTGFHFCGGSLINENWVVTAAHCGVTTSDVVVAGEFDQGSSSEKIQKLKIAKVFKNSKYN
SLTINNDITLLKLSTAASFSQTVSAVCLPSASDDFAAGTTCVTTGWGLTRY
;
B
3 'polypeptide(L)'
;ANTPDRLQQASLPLLSNTNCKKYWGTKIKDAMICAGASGVSSCMGDSGGPLVCKKNGAWTLVGIVSWGSSTCSTSTPGVY
ARVTALVNWVQQTLAAN
;
C
#
loop_
_chem_comp.id
_chem_comp.type
_chem_comp.name
_chem_comp.formula
FAF non-polymer '2-ACETYLAMINO-4-METHYL-PENTANOIC ACID (1-FORMYL-2-PHENYL-ETHYL)-AMIDE' 'C17 H24 N2 O3'
SO4 non-polymer 'SULFATE ION' 'O4 S -2'
#
# COMPACT_ATOMS: atom_id res chain seq x y z
N CYS A 1 -16.27 -4.35 2.37
CA CYS A 1 -14.91 -3.89 1.95
C CYS A 1 -14.59 -4.30 0.52
N GLY A 2 -13.54 -3.70 -0.03
CA GLY A 2 -13.06 -4.03 -1.37
C GLY A 2 -13.92 -3.79 -2.60
N VAL A 3 -15.00 -3.03 -2.48
CA VAL A 3 -15.85 -2.76 -3.63
C VAL A 3 -16.05 -1.25 -3.80
N PRO A 4 -15.18 -0.60 -4.60
CA PRO A 4 -15.26 0.84 -4.83
C PRO A 4 -16.57 1.28 -5.45
N ALA A 5 -17.08 2.43 -5.01
CA ALA A 5 -18.32 2.98 -5.56
C ALA A 5 -18.03 3.49 -6.97
N ILE A 6 -16.79 3.96 -7.18
CA ILE A 6 -16.37 4.43 -8.51
C ILE A 6 -15.44 3.34 -9.03
N GLN A 7 -15.92 2.59 -10.01
CA GLN A 7 -15.12 1.48 -10.54
C GLN A 7 -13.84 1.88 -11.25
N PRO A 8 -12.72 1.25 -10.86
CA PRO A 8 -11.44 1.59 -11.49
C PRO A 8 -11.40 1.04 -12.92
N VAL A 9 -10.68 1.75 -13.79
CA VAL A 9 -10.54 1.34 -15.18
C VAL A 9 -9.05 1.16 -15.46
N LEU A 10 -8.65 -0.07 -15.76
CA LEU A 10 -7.26 -0.38 -16.03
C LEU A 10 -7.03 -0.63 -17.52
N ILE B 1 5.14 5.13 -9.13
CA ILE B 1 5.06 4.00 -10.09
C ILE B 1 5.63 4.41 -11.45
N VAL B 2 6.59 3.63 -11.94
CA VAL B 2 7.21 3.87 -13.23
C VAL B 2 6.45 3.10 -14.28
N ASN B 3 6.04 3.81 -15.34
CA ASN B 3 5.32 3.21 -16.46
C ASN B 3 3.88 2.85 -16.13
N GLY B 4 3.34 3.49 -15.11
CA GLY B 4 1.96 3.23 -14.75
C GLY B 4 1.09 4.21 -15.52
N GLU B 5 -0.14 4.41 -15.05
CA GLU B 5 -1.06 5.32 -15.69
C GLU B 5 -1.90 6.02 -14.65
N GLU B 6 -2.50 7.14 -15.05
CA GLU B 6 -3.35 7.91 -14.18
C GLU B 6 -4.59 7.10 -13.84
N ALA B 7 -4.98 7.10 -12.57
CA ALA B 7 -6.16 6.35 -12.14
C ALA B 7 -7.43 7.18 -12.32
N VAL B 8 -8.57 6.50 -12.36
CA VAL B 8 -9.84 7.19 -12.46
C VAL B 8 -10.00 7.80 -11.07
N PRO B 9 -10.23 9.12 -10.98
CA PRO B 9 -10.37 9.78 -9.67
C PRO B 9 -11.33 9.08 -8.72
N GLY B 10 -10.85 8.79 -7.51
CA GLY B 10 -11.66 8.15 -6.50
C GLY B 10 -11.91 6.65 -6.64
N SER B 11 -11.31 6.01 -7.64
CA SER B 11 -11.51 4.56 -7.87
C SER B 11 -10.75 3.60 -6.95
N TRP B 12 -9.84 4.14 -6.14
CA TRP B 12 -9.07 3.34 -5.18
C TRP B 12 -9.32 4.09 -3.88
N PRO B 13 -10.55 3.97 -3.34
CA PRO B 13 -11.01 4.63 -2.12
C PRO B 13 -10.24 4.43 -0.82
N TRP B 14 -9.54 3.31 -0.71
CA TRP B 14 -8.78 3.02 0.51
C TRP B 14 -7.39 3.65 0.49
N GLN B 15 -6.96 4.11 -0.68
CA GLN B 15 -5.63 4.72 -0.81
C GLN B 15 -5.54 6.05 -0.09
N VAL B 16 -4.59 6.17 0.84
CA VAL B 16 -4.37 7.43 1.54
C VAL B 16 -2.94 7.88 1.33
N SER B 17 -2.69 9.16 1.61
CA SER B 17 -1.36 9.73 1.46
C SER B 17 -0.87 10.12 2.84
N LEU B 18 0.35 9.74 3.19
CA LEU B 18 0.92 10.11 4.47
C LEU B 18 1.79 11.34 4.20
N GLN B 19 1.46 12.43 4.86
CA GLN B 19 2.20 13.68 4.68
C GLN B 19 2.74 14.21 6.00
N ASP B 20 3.93 14.81 5.96
CA ASP B 20 4.48 15.36 7.20
C ASP B 20 3.84 16.74 7.41
N LYS B 21 4.23 17.43 8.48
CA LYS B 21 3.64 18.73 8.78
C LYS B 21 3.88 19.81 7.74
N THR B 22 4.86 19.62 6.87
CA THR B 22 5.13 20.60 5.82
C THR B 22 4.24 20.38 4.59
N GLY B 23 3.46 19.30 4.60
CA GLY B 23 2.58 18.98 3.50
C GLY B 23 3.20 18.07 2.46
N PHE B 24 4.41 17.59 2.75
CA PHE B 24 5.16 16.72 1.84
C PHE B 24 4.69 15.27 1.92
N HIS B 25 4.32 14.70 0.78
CA HIS B 25 3.88 13.30 0.72
C HIS B 25 5.12 12.41 0.77
N PHE B 26 5.16 11.48 1.71
CA PHE B 26 6.32 10.59 1.82
C PHE B 26 6.02 9.09 1.78
N CYS B 27 4.75 8.73 1.90
CA CYS B 27 4.37 7.32 1.87
C CYS B 27 2.89 7.16 1.60
N GLY B 28 2.49 5.95 1.20
CA GLY B 28 1.09 5.67 0.97
C GLY B 28 0.59 4.82 2.12
N GLY B 29 -0.69 4.48 2.09
CA GLY B 29 -1.27 3.65 3.13
C GLY B 29 -2.64 3.20 2.64
N SER B 30 -3.28 2.29 3.38
CA SER B 30 -4.61 1.80 3.00
C SER B 30 -5.55 1.75 4.20
N LEU B 31 -6.77 2.25 4.02
CA LEU B 31 -7.76 2.22 5.09
C LEU B 31 -8.35 0.81 5.16
N ILE B 32 -8.39 0.23 6.36
CA ILE B 32 -8.98 -1.10 6.51
C ILE B 32 -10.34 -1.00 7.20
N ASN B 33 -10.63 0.19 7.73
CA ASN B 33 -11.91 0.53 8.37
C ASN B 33 -11.84 2.01 8.71
N GLU B 34 -12.88 2.57 9.32
CA GLU B 34 -12.88 4.01 9.60
C GLU B 34 -11.82 4.53 10.54
N ASN B 35 -11.28 3.66 11.40
CA ASN B 35 -10.30 4.11 12.39
C ASN B 35 -8.87 3.64 12.23
N TRP B 36 -8.61 2.79 11.23
CA TRP B 36 -7.28 2.25 11.07
C TRP B 36 -6.71 2.30 9.67
N VAL B 37 -5.41 2.58 9.60
CA VAL B 37 -4.69 2.63 8.34
C VAL B 37 -3.48 1.70 8.41
N VAL B 38 -3.27 0.93 7.36
CA VAL B 38 -2.12 0.02 7.30
C VAL B 38 -1.09 0.67 6.39
N THR B 39 0.16 0.63 6.81
CA THR B 39 1.24 1.19 6.02
C THR B 39 2.51 0.38 6.29
N ALA B 40 3.63 0.83 5.74
CA ALA B 40 4.90 0.12 5.95
C ALA B 40 5.59 0.64 7.20
N ALA B 41 6.17 -0.26 7.98
CA ALA B 41 6.86 0.15 9.18
C ALA B 41 8.05 1.04 8.86
N HIS B 42 8.72 0.81 7.73
CA HIS B 42 9.89 1.63 7.40
C HIS B 42 9.56 3.08 7.04
N CYS B 43 8.27 3.40 6.88
CA CYS B 43 7.88 4.77 6.55
C CYS B 43 8.16 5.70 7.74
N GLY B 44 8.40 5.10 8.90
CA GLY B 44 8.71 5.88 10.09
C GLY B 44 7.72 6.96 10.47
N VAL B 45 6.44 6.65 10.38
CA VAL B 45 5.39 7.59 10.73
C VAL B 45 5.43 7.98 12.22
N THR B 46 5.06 9.24 12.51
CA THR B 46 5.00 9.74 13.88
C THR B 46 3.62 10.36 14.03
N THR B 47 3.24 10.71 15.26
CA THR B 47 1.94 11.30 15.52
C THR B 47 1.84 12.74 15.01
N SER B 48 2.94 13.26 14.47
CA SER B 48 2.97 14.62 13.93
C SER B 48 2.63 14.59 12.43
N ASP B 49 2.60 13.39 11.86
CA ASP B 49 2.28 13.22 10.46
C ASP B 49 0.78 13.21 10.28
N VAL B 50 0.32 13.38 9.04
CA VAL B 50 -1.11 13.43 8.76
C VAL B 50 -1.52 12.42 7.69
N VAL B 51 -2.69 11.82 7.90
CA VAL B 51 -3.24 10.87 6.93
C VAL B 51 -4.25 11.65 6.08
N VAL B 52 -4.06 11.66 4.76
CA VAL B 52 -4.97 12.36 3.86
C VAL B 52 -5.76 11.34 3.04
N ALA B 53 -7.09 11.38 3.19
CA ALA B 53 -7.97 10.46 2.48
C ALA B 53 -8.85 11.18 1.47
N GLY B 54 -9.30 10.46 0.45
CA GLY B 54 -10.16 11.03 -0.57
C GLY B 54 -9.46 11.92 -1.58
N GLU B 55 -8.14 11.84 -1.63
CA GLU B 55 -7.36 12.68 -2.54
C GLU B 55 -7.03 11.99 -3.87
N PHE B 56 -6.99 12.78 -4.95
CA PHE B 56 -6.62 12.26 -6.26
C PHE B 56 -5.47 13.10 -6.80
N ASP B 57 -5.72 14.41 -6.91
CA ASP B 57 -4.75 15.37 -7.41
C ASP B 57 -4.20 16.22 -6.27
N GLN B 58 -2.97 15.90 -5.87
CA GLN B 58 -2.34 16.62 -4.77
C GLN B 58 -2.06 18.07 -5.14
N GLY B 59 -2.29 18.41 -6.40
CA GLY B 59 -2.07 19.78 -6.84
C GLY B 59 -3.35 20.60 -6.87
N SER B 60 -4.47 19.94 -6.59
CA SER B 60 -5.77 20.61 -6.60
C SER B 60 -6.18 21.11 -5.22
N SER B 61 -6.85 22.26 -5.19
CA SER B 61 -7.31 22.85 -3.95
C SER B 61 -8.82 22.71 -3.80
N SER B 62 -9.48 22.18 -4.83
CA SER B 62 -10.93 22.04 -4.81
C SER B 62 -11.45 20.64 -4.45
N GLU B 63 -10.56 19.72 -4.13
CA GLU B 63 -11.01 18.37 -3.75
C GLU B 63 -11.45 18.35 -2.30
N LYS B 64 -12.51 17.60 -2.02
CA LYS B 64 -13.02 17.48 -0.66
C LYS B 64 -12.26 16.33 0.00
N ILE B 65 -11.11 16.66 0.58
CA ILE B 65 -10.28 15.67 1.22
C ILE B 65 -10.44 15.68 2.74
N GLN B 66 -10.00 14.61 3.36
CA GLN B 66 -10.07 14.49 4.82
C GLN B 66 -8.65 14.37 5.36
N LYS B 67 -8.22 15.36 6.14
CA LYS B 67 -6.90 15.34 6.74
C LYS B 67 -7.10 14.81 8.16
N LEU B 68 -6.64 13.59 8.40
CA LEU B 68 -6.85 12.96 9.69
C LEU B 68 -5.61 12.85 10.58
N LYS B 69 -5.78 13.16 11.86
CA LYS B 69 -4.70 13.11 12.83
C LYS B 69 -4.47 11.67 13.29
N ILE B 70 -3.22 11.36 13.63
CA ILE B 70 -2.86 10.02 14.08
C ILE B 70 -2.78 9.98 15.60
N ALA B 71 -3.52 9.05 16.21
CA ALA B 71 -3.53 8.92 17.66
C ALA B 71 -2.35 8.08 18.16
N LYS B 72 -2.13 6.94 17.52
CA LYS B 72 -1.04 6.07 17.95
C LYS B 72 -0.44 5.29 16.79
N VAL B 73 0.85 5.01 16.90
CA VAL B 73 1.59 4.27 15.87
C VAL B 73 1.92 2.87 16.40
N PHE B 74 1.40 1.85 15.74
CA PHE B 74 1.65 0.48 16.15
C PHE B 74 2.59 -0.21 15.16
N LYS B 75 3.88 -0.18 15.47
CA LYS B 75 4.87 -0.83 14.62
C LYS B 75 4.90 -2.31 15.01
N ASN B 76 4.79 -3.20 14.04
CA ASN B 76 4.82 -4.65 14.31
C ASN B 76 6.13 -4.97 15.01
N SER B 77 6.06 -5.55 16.20
CA SER B 77 7.26 -5.88 16.97
C SER B 77 8.19 -6.84 16.25
N LYS B 78 7.66 -7.56 15.25
CA LYS B 78 8.45 -8.52 14.48
C LYS B 78 9.24 -7.80 13.38
N TYR B 79 8.94 -6.53 13.15
CA TYR B 79 9.64 -5.78 12.13
C TYR B 79 11.15 -5.79 12.38
N ASN B 80 11.91 -6.17 11.36
CA ASN B 80 13.36 -6.20 11.44
C ASN B 80 13.89 -5.18 10.46
N SER B 81 14.40 -4.06 10.97
CA SER B 81 14.91 -2.99 10.13
C SER B 81 16.21 -3.30 9.37
N LEU B 82 16.90 -4.36 9.79
CA LEU B 82 18.14 -4.73 9.13
C LEU B 82 17.82 -5.46 7.82
N THR B 83 16.81 -6.32 7.85
CA THR B 83 16.40 -7.10 6.68
C THR B 83 15.11 -6.56 6.04
N ILE B 84 14.46 -5.62 6.72
CA ILE B 84 13.21 -5.01 6.26
C ILE B 84 12.09 -6.06 6.18
N ASN B 85 12.18 -7.09 7.00
CA ASN B 85 11.16 -8.13 7.02
C ASN B 85 10.03 -7.73 7.98
N ASN B 86 8.82 -8.19 7.68
CA ASN B 86 7.63 -7.87 8.49
C ASN B 86 7.45 -6.35 8.52
N ASP B 87 7.52 -5.75 7.34
CA ASP B 87 7.41 -4.31 7.16
C ASP B 87 5.96 -3.80 7.20
N ILE B 88 5.38 -3.79 8.40
CA ILE B 88 4.01 -3.33 8.54
C ILE B 88 3.78 -2.53 9.83
N THR B 89 3.03 -1.44 9.71
CA THR B 89 2.70 -0.60 10.85
C THR B 89 1.23 -0.26 10.73
N LEU B 90 0.55 -0.19 11.87
CA LEU B 90 -0.86 0.16 11.91
C LEU B 90 -0.99 1.54 12.53
N LEU B 91 -1.84 2.38 11.96
CA LEU B 91 -2.05 3.72 12.48
C LEU B 91 -3.48 3.83 12.97
N LYS B 92 -3.64 4.19 14.24
CA LYS B 92 -4.95 4.38 14.81
C LYS B 92 -5.24 5.88 14.72
N LEU B 93 -6.30 6.24 14.01
CA LEU B 93 -6.68 7.64 13.83
C LEU B 93 -7.33 8.27 15.05
N SER B 94 -7.07 9.55 15.26
CA SER B 94 -7.66 10.30 16.38
C SER B 94 -9.11 10.59 16.03
N THR B 95 -9.37 10.84 14.75
CA THR B 95 -10.71 11.10 14.27
C THR B 95 -11.01 10.12 13.15
N ALA B 96 -12.11 9.38 13.29
CA ALA B 96 -12.51 8.40 12.29
C ALA B 96 -12.74 9.04 10.93
N ALA B 97 -12.37 8.31 9.88
CA ALA B 97 -12.56 8.81 8.52
C ALA B 97 -14.04 8.71 8.19
N SER B 98 -14.52 9.59 7.33
CA SER B 98 -15.91 9.58 6.93
C SER B 98 -16.00 8.83 5.61
N PHE B 99 -16.54 7.62 5.65
CA PHE B 99 -16.66 6.84 4.44
C PHE B 99 -17.68 7.44 3.48
N SER B 100 -17.34 7.43 2.21
CA SER B 100 -18.17 7.98 1.17
C SER B 100 -17.87 7.27 -0.12
N GLN B 101 -18.26 7.88 -1.23
CA GLN B 101 -18.02 7.31 -2.55
C GLN B 101 -16.53 7.20 -2.84
N THR B 102 -15.77 8.18 -2.33
CA THR B 102 -14.34 8.24 -2.56
C THR B 102 -13.47 7.78 -1.40
N VAL B 103 -14.10 7.38 -0.30
CA VAL B 103 -13.36 6.92 0.88
C VAL B 103 -14.01 5.67 1.48
N SER B 104 -13.32 4.55 1.40
CA SER B 104 -13.81 3.29 1.94
C SER B 104 -12.64 2.33 2.19
N ALA B 105 -12.94 1.15 2.71
CA ALA B 105 -11.92 0.18 3.07
C ALA B 105 -11.62 -0.96 2.10
N VAL B 106 -10.38 -1.41 2.14
CA VAL B 106 -9.93 -2.53 1.31
C VAL B 106 -10.13 -3.77 2.18
N CYS B 107 -10.28 -4.94 1.57
CA CYS B 107 -10.46 -6.17 2.33
C CYS B 107 -9.11 -6.74 2.72
N LEU B 108 -9.10 -7.51 3.81
CA LEU B 108 -7.89 -8.17 4.27
C LEU B 108 -8.10 -9.65 3.97
N PRO B 109 -7.01 -10.37 3.64
CA PRO B 109 -7.16 -11.80 3.36
C PRO B 109 -7.13 -12.63 4.63
N SER B 110 -7.45 -13.91 4.49
CA SER B 110 -7.37 -14.82 5.62
C SER B 110 -5.92 -15.30 5.57
N ALA B 111 -5.35 -15.68 6.71
CA ALA B 111 -3.96 -16.12 6.73
C ALA B 111 -3.72 -17.27 5.76
N SER B 112 -4.73 -18.10 5.55
CA SER B 112 -4.60 -19.25 4.67
C SER B 112 -4.97 -18.98 3.21
N ASP B 113 -5.27 -17.72 2.87
CA ASP B 113 -5.64 -17.40 1.51
C ASP B 113 -4.43 -17.61 0.59
N ASP B 114 -4.68 -18.05 -0.64
CA ASP B 114 -3.61 -18.30 -1.59
C ASP B 114 -3.69 -17.40 -2.82
N PHE B 115 -2.55 -16.80 -3.16
CA PHE B 115 -2.45 -15.93 -4.32
C PHE B 115 -1.29 -16.44 -5.17
N ALA B 116 -1.65 -17.21 -6.20
CA ALA B 116 -0.70 -17.84 -7.09
C ALA B 116 0.17 -16.93 -7.94
N ALA B 117 1.39 -17.38 -8.17
CA ALA B 117 2.32 -16.63 -9.02
C ALA B 117 1.67 -16.60 -10.40
N GLY B 118 1.78 -15.47 -11.10
CA GLY B 118 1.17 -15.36 -12.41
C GLY B 118 -0.10 -14.54 -12.37
N THR B 119 -0.71 -14.43 -11.18
CA THR B 119 -1.94 -13.66 -11.01
C THR B 119 -1.62 -12.19 -11.23
N THR B 120 -2.48 -11.49 -11.96
CA THR B 120 -2.24 -10.08 -12.21
C THR B 120 -3.01 -9.28 -11.16
N CYS B 121 -2.28 -8.41 -10.46
CA CYS B 121 -2.87 -7.60 -9.43
C CYS B 121 -2.59 -6.14 -9.74
N VAL B 122 -2.95 -5.25 -8.83
CA VAL B 122 -2.77 -3.81 -9.04
C VAL B 122 -2.09 -3.11 -7.86
N THR B 123 -1.24 -2.14 -8.17
CA THR B 123 -0.60 -1.35 -7.13
C THR B 123 -0.84 0.11 -7.53
N THR B 124 -1.00 0.97 -6.53
CA THR B 124 -1.29 2.38 -6.74
C THR B 124 -0.42 3.27 -5.85
N GLY B 125 -0.31 4.54 -6.20
CA GLY B 125 0.49 5.45 -5.39
C GLY B 125 0.92 6.72 -6.08
N TRP B 126 1.53 7.62 -5.30
CA TRP B 126 2.03 8.89 -5.80
C TRP B 126 3.57 8.87 -5.82
N GLY B 127 4.15 7.68 -5.92
CA GLY B 127 5.60 7.57 -5.95
C GLY B 127 6.16 8.07 -7.28
N LEU B 128 7.49 8.20 -7.34
CA LEU B 128 8.14 8.66 -8.57
C LEU B 128 7.71 7.87 -9.81
N THR B 129 7.50 8.57 -10.92
CA THR B 129 7.10 7.92 -12.17
C THR B 129 8.31 7.75 -13.07
N ARG B 130 9.44 8.28 -12.62
CA ARG B 130 10.69 8.22 -13.35
C ARG B 130 11.84 8.44 -12.38
N TYR B 131 12.84 7.57 -12.43
CA TYR B 131 13.97 7.71 -11.54
C TYR B 131 15.08 8.52 -12.20
N THR C 3 7.79 13.40 -8.98
CA THR C 3 6.63 13.10 -8.09
C THR C 3 5.35 13.57 -8.75
N PRO C 4 4.45 12.63 -9.09
CA PRO C 4 3.19 13.00 -9.73
C PRO C 4 2.16 13.60 -8.79
N ASP C 5 1.40 14.57 -9.29
CA ASP C 5 0.37 15.20 -8.50
C ASP C 5 -0.82 14.23 -8.45
N ARG C 6 -1.09 13.57 -9.56
CA ARG C 6 -2.22 12.65 -9.65
C ARG C 6 -1.90 11.18 -9.40
N LEU C 7 -2.82 10.51 -8.71
CA LEU C 7 -2.67 9.11 -8.36
C LEU C 7 -2.45 8.22 -9.58
N GLN C 8 -1.42 7.39 -9.51
CA GLN C 8 -1.08 6.47 -10.59
C GLN C 8 -1.46 5.04 -10.20
N GLN C 9 -1.61 4.19 -11.21
CA GLN C 9 -1.96 2.80 -11.00
C GLN C 9 -1.20 1.95 -12.01
N ALA C 10 -1.08 0.66 -11.71
CA ALA C 10 -0.40 -0.27 -12.62
C ALA C 10 -0.74 -1.71 -12.28
N SER C 11 -1.02 -2.51 -13.30
CA SER C 11 -1.29 -3.92 -13.10
C SER C 11 0.07 -4.60 -13.25
N LEU C 12 0.29 -5.67 -12.49
CA LEU C 12 1.55 -6.40 -12.55
C LEU C 12 1.33 -7.79 -11.99
N PRO C 13 2.16 -8.76 -12.39
CA PRO C 13 2.02 -10.14 -11.91
C PRO C 13 2.75 -10.49 -10.62
N LEU C 14 2.20 -11.45 -9.89
CA LEU C 14 2.83 -11.92 -8.68
C LEU C 14 3.87 -12.96 -9.09
N LEU C 15 4.96 -13.04 -8.35
CA LEU C 15 6.01 -14.01 -8.61
C LEU C 15 6.04 -14.95 -7.42
N SER C 16 6.72 -16.08 -7.56
CA SER C 16 6.86 -17.01 -6.45
C SER C 16 8.15 -16.56 -5.75
N ASN C 17 8.26 -16.80 -4.46
CA ASN C 17 9.46 -16.39 -3.74
C ASN C 17 10.69 -17.10 -4.29
N THR C 18 10.51 -18.36 -4.68
CA THR C 18 11.61 -19.15 -5.24
C THR C 18 12.17 -18.45 -6.46
N ASN C 19 11.29 -18.10 -7.39
CA ASN C 19 11.71 -17.42 -8.61
C ASN C 19 12.22 -16.02 -8.31
N CYS C 20 11.68 -15.39 -7.27
CA CYS C 20 12.12 -14.04 -6.91
C CYS C 20 13.53 -14.06 -6.34
N LYS C 21 13.92 -15.17 -5.75
CA LYS C 21 15.25 -15.31 -5.18
C LYS C 21 16.32 -15.30 -6.27
N LYS C 22 15.91 -15.49 -7.52
CA LYS C 22 16.84 -15.48 -8.64
C LYS C 22 17.31 -14.05 -8.88
N TYR C 23 16.55 -13.08 -8.37
CA TYR C 23 16.90 -11.67 -8.52
C TYR C 23 17.50 -11.10 -7.24
N TRP C 24 16.90 -11.46 -6.12
CA TRP C 24 17.31 -10.91 -4.83
C TRP C 24 18.01 -11.86 -3.86
N GLY C 25 18.11 -13.13 -4.23
CA GLY C 25 18.78 -14.07 -3.35
C GLY C 25 18.14 -14.19 -1.99
N THR C 26 19.00 -14.33 -0.97
CA THR C 26 18.57 -14.49 0.42
C THR C 26 17.86 -13.32 1.07
N LYS C 27 17.78 -12.19 0.38
CA LYS C 27 17.11 -11.02 0.93
C LYS C 27 15.61 -11.27 1.03
N ILE C 28 15.11 -12.22 0.24
CA ILE C 28 13.70 -12.57 0.23
C ILE C 28 13.31 -13.48 1.39
N LYS C 29 12.48 -12.96 2.30
CA LYS C 29 12.03 -13.73 3.46
C LYS C 29 10.59 -14.20 3.26
N ASP C 30 10.11 -15.04 4.18
CA ASP C 30 8.76 -15.59 4.09
C ASP C 30 7.64 -14.56 4.19
N ALA C 31 7.89 -13.45 4.86
CA ALA C 31 6.86 -12.43 5.00
C ALA C 31 6.95 -11.38 3.89
N MET C 32 7.54 -11.78 2.78
CA MET C 32 7.67 -10.89 1.63
C MET C 32 7.06 -11.58 0.42
N ILE C 33 6.57 -10.79 -0.52
CA ILE C 33 6.00 -11.31 -1.75
C ILE C 33 6.45 -10.38 -2.86
N CYS C 34 6.90 -10.95 -3.97
CA CYS C 34 7.37 -10.13 -5.09
C CYS C 34 6.35 -10.00 -6.20
N ALA C 35 6.45 -8.90 -6.93
CA ALA C 35 5.56 -8.63 -8.04
C ALA C 35 6.25 -7.66 -8.99
N GLY C 36 5.94 -7.76 -10.28
CA GLY C 36 6.55 -6.86 -11.23
C GLY C 36 7.49 -7.53 -12.21
N ALA C 37 8.58 -6.82 -12.56
CA ALA C 37 9.56 -7.31 -13.51
C ALA C 37 8.81 -7.48 -14.82
N SER C 38 7.76 -6.69 -14.98
CA SER C 38 6.86 -6.77 -16.14
C SER C 38 6.80 -5.53 -17.01
N GLY C 39 7.66 -4.54 -16.74
CA GLY C 39 7.63 -3.32 -17.52
C GLY C 39 7.15 -2.13 -16.71
N VAL C 40 6.82 -2.39 -15.45
CA VAL C 40 6.38 -1.34 -14.54
C VAL C 40 7.11 -1.59 -13.22
N SER C 41 7.08 -0.60 -12.34
CA SER C 41 7.73 -0.76 -11.04
C SER C 41 7.26 0.27 -10.02
N SER C 42 7.10 -0.17 -8.78
CA SER C 42 6.74 0.75 -7.71
C SER C 42 8.04 1.53 -7.54
N CYS C 43 8.01 2.67 -6.88
CA CYS C 43 9.23 3.46 -6.73
C CYS C 43 9.17 4.27 -5.44
N MET C 44 10.21 5.04 -5.17
CA MET C 44 10.24 5.86 -3.96
C MET C 44 8.97 6.70 -3.87
N GLY C 45 8.35 6.72 -2.70
CA GLY C 45 7.13 7.47 -2.51
C GLY C 45 5.90 6.56 -2.53
N ASP C 46 6.04 5.38 -3.13
CA ASP C 46 4.95 4.42 -3.20
C ASP C 46 4.88 3.54 -1.95
N SER C 47 5.98 3.49 -1.20
CA SER C 47 6.08 2.69 0.02
C SER C 47 4.91 2.85 0.97
N GLY C 48 4.45 1.74 1.54
CA GLY C 48 3.33 1.77 2.45
C GLY C 48 2.00 1.61 1.76
N GLY C 49 2.00 1.85 0.44
CA GLY C 49 0.79 1.73 -0.36
C GLY C 49 0.36 0.30 -0.61
N PRO C 50 -0.78 0.11 -1.27
CA PRO C 50 -1.32 -1.23 -1.57
C PRO C 50 -0.94 -1.96 -2.86
N LEU C 51 -1.00 -3.28 -2.76
CA LEU C 51 -0.84 -4.21 -3.87
C LEU C 51 -2.12 -5.01 -3.62
N VAL C 52 -3.11 -4.85 -4.48
CA VAL C 52 -4.38 -5.55 -4.30
C VAL C 52 -4.70 -6.51 -5.44
N CYS C 53 -5.34 -7.63 -5.09
CA CYS C 53 -5.75 -8.64 -6.05
C CYS C 53 -7.24 -8.85 -5.85
N LYS C 54 -7.97 -9.01 -6.95
CA LYS C 54 -9.41 -9.20 -6.88
C LYS C 54 -9.71 -10.65 -6.58
N LYS C 55 -10.41 -10.89 -5.48
CA LYS C 55 -10.75 -12.26 -5.09
C LYS C 55 -12.24 -12.32 -4.79
N ASN C 56 -12.95 -13.20 -5.50
CA ASN C 56 -14.38 -13.35 -5.31
C ASN C 56 -15.13 -12.03 -5.48
N GLY C 57 -14.66 -11.19 -6.41
CA GLY C 57 -15.29 -9.92 -6.69
C GLY C 57 -14.85 -8.72 -5.86
N ALA C 58 -14.04 -8.94 -4.84
CA ALA C 58 -13.60 -7.83 -4.00
C ALA C 58 -12.08 -7.67 -4.01
N TRP C 59 -11.63 -6.42 -3.97
CA TRP C 59 -10.19 -6.14 -3.94
C TRP C 59 -9.65 -6.44 -2.55
N THR C 60 -8.64 -7.30 -2.50
CA THR C 60 -8.02 -7.72 -1.25
C THR C 60 -6.58 -7.26 -1.16
N LEU C 61 -6.17 -6.79 0.01
CA LEU C 61 -4.80 -6.32 0.24
C LEU C 61 -3.87 -7.52 0.37
N VAL C 62 -3.05 -7.74 -0.65
CA VAL C 62 -2.12 -8.86 -0.68
C VAL C 62 -0.71 -8.44 -0.28
N GLY C 63 -0.34 -7.21 -0.62
CA GLY C 63 0.98 -6.72 -0.27
C GLY C 63 1.00 -5.23 0.06
N ILE C 64 2.07 -4.82 0.73
CA ILE C 64 2.29 -3.43 1.10
C ILE C 64 3.62 -3.07 0.43
N VAL C 65 3.63 -2.01 -0.37
CA VAL C 65 4.87 -1.62 -1.06
C VAL C 65 5.99 -1.46 -0.03
N SER C 66 7.07 -2.22 -0.22
CA SER C 66 8.19 -2.21 0.72
C SER C 66 9.52 -1.74 0.13
N TRP C 67 10.13 -2.54 -0.72
CA TRP C 67 11.41 -2.14 -1.32
C TRP C 67 11.64 -2.79 -2.67
N GLY C 68 12.73 -2.42 -3.32
CA GLY C 68 13.04 -2.98 -4.61
C GLY C 68 14.32 -2.41 -5.18
N SER C 69 14.39 -2.37 -6.51
CA SER C 69 15.56 -1.85 -7.21
C SER C 69 15.81 -0.39 -6.84
N SER C 70 17.07 -0.08 -6.54
CA SER C 70 17.48 1.27 -6.17
C SER C 70 17.17 2.28 -7.26
N THR C 71 17.00 1.81 -8.49
CA THR C 71 16.71 2.70 -9.61
C THR C 71 15.31 2.45 -10.17
N CYS C 72 14.51 1.68 -9.45
CA CYS C 72 13.15 1.35 -9.85
C CYS C 72 13.10 0.73 -11.25
N SER C 73 14.02 -0.19 -11.51
CA SER C 73 14.10 -0.87 -12.81
C SER C 73 12.82 -1.66 -13.06
N THR C 74 12.25 -1.51 -14.26
CA THR C 74 11.03 -2.21 -14.60
C THR C 74 11.26 -3.68 -14.96
N SER C 75 12.51 -4.10 -14.99
CA SER C 75 12.83 -5.48 -15.32
C SER C 75 13.19 -6.27 -14.06
N THR C 76 13.11 -5.61 -12.91
CA THR C 76 13.41 -6.23 -11.63
C THR C 76 12.12 -6.24 -10.80
N PRO C 77 11.86 -7.34 -10.08
CA PRO C 77 10.63 -7.38 -9.29
C PRO C 77 10.67 -6.53 -8.03
N GLY C 78 9.54 -5.91 -7.71
CA GLY C 78 9.44 -5.11 -6.51
C GLY C 78 9.14 -6.07 -5.37
N VAL C 79 9.48 -5.69 -4.14
CA VAL C 79 9.21 -6.55 -3.00
C VAL C 79 8.19 -5.87 -2.07
N TYR C 80 7.18 -6.64 -1.70
CA TYR C 80 6.07 -6.16 -0.88
C TYR C 80 5.94 -6.99 0.39
N ALA C 81 5.42 -6.38 1.45
CA ALA C 81 5.22 -7.11 2.69
C ALA C 81 4.05 -8.06 2.40
N ARG C 82 4.20 -9.33 2.73
CA ARG C 82 3.14 -10.32 2.48
C ARG C 82 2.07 -10.25 3.56
N VAL C 83 0.93 -9.69 3.22
CA VAL C 83 -0.15 -9.52 4.20
C VAL C 83 -0.70 -10.80 4.84
N THR C 84 -0.77 -11.90 4.11
CA THR C 84 -1.29 -13.15 4.69
C THR C 84 -0.44 -13.59 5.89
N ALA C 85 0.83 -13.21 5.88
CA ALA C 85 1.74 -13.59 6.96
C ALA C 85 1.67 -12.59 8.12
N LEU C 86 0.96 -11.49 7.91
CA LEU C 86 0.87 -10.45 8.93
C LEU C 86 -0.54 -10.13 9.38
N VAL C 87 -1.54 -10.72 8.74
CA VAL C 87 -2.92 -10.42 9.10
C VAL C 87 -3.33 -10.87 10.50
N ASN C 88 -2.73 -11.94 11.03
CA ASN C 88 -3.07 -12.38 12.37
C ASN C 88 -2.68 -11.29 13.38
N TRP C 89 -1.55 -10.65 13.14
CA TRP C 89 -1.09 -9.57 14.01
C TRP C 89 -2.03 -8.37 13.87
N VAL C 90 -2.47 -8.08 12.64
CA VAL C 90 -3.38 -6.96 12.44
C VAL C 90 -4.65 -7.21 13.25
N GLN C 91 -5.17 -8.43 13.15
CA GLN C 91 -6.38 -8.83 13.87
C GLN C 91 -6.22 -8.72 15.39
N GLN C 92 -5.09 -9.18 15.92
CA GLN C 92 -4.85 -9.10 17.36
C GLN C 92 -4.76 -7.64 17.82
N THR C 93 -4.09 -6.81 17.04
CA THR C 93 -3.92 -5.40 17.39
C THR C 93 -5.22 -4.62 17.44
N LEU C 94 -6.10 -4.84 16.46
CA LEU C 94 -7.38 -4.15 16.44
C LEU C 94 -8.27 -4.63 17.57
N ALA C 95 -8.25 -5.94 17.83
CA ALA C 95 -9.06 -6.52 18.88
C ALA C 95 -8.67 -6.02 20.27
N ALA C 96 -7.41 -5.68 20.44
CA ALA C 96 -6.93 -5.20 21.74
C ALA C 96 -6.87 -3.68 21.90
N ASN C 97 -7.18 -2.95 20.82
CA ASN C 97 -7.13 -1.49 20.88
C ASN C 97 -8.37 -0.87 20.24
S SO4 D . 2.86 -5.92 19.10
O1 SO4 D . 2.06 -7.10 19.45
O2 SO4 D . 1.97 -4.85 18.60
O3 SO4 D . 3.84 -6.27 18.06
O4 SO4 D . 3.56 -5.43 20.30
CX FAF E . 14.86 0.26 -1.47
OX FAF E . 13.93 -0.33 -2.03
CAX FAF E . 16.28 0.13 -2.01
NL FAF E . 14.70 1.00 -0.39
CAL FAF E . 13.39 1.15 0.23
CBL FAF E . 13.54 1.64 1.67
CGL FAF E . 14.23 0.68 2.64
CDL FAF E . 13.71 0.93 4.04
CDM FAF E . 13.98 -0.76 2.22
C FAF E . 12.51 2.11 -0.53
O FAF E . 12.94 3.17 -0.96
N FAF E . 11.24 1.73 -0.70
CA FAF E . 10.30 2.56 -1.44
CB FAF E . 9.45 1.70 -2.37
CG FAF E . 10.21 1.09 -3.53
CD1 FAF E . 11.41 1.67 -3.97
CD2 FAF E . 9.74 -0.04 -4.20
CE1 FAF E . 12.12 1.12 -5.04
CE2 FAF E . 10.44 -0.59 -5.27
CZ FAF E . 11.63 -0.01 -5.70
CW FAF E . 9.44 3.28 -0.42
OW FAF E . 8.82 4.38 -1.04
OW FAF E . 10.27 3.82 0.58
#